data_2KUR
#
_entry.id   2KUR
#
_entity_poly.entity_id   1
_entity_poly.type   'polyribonucleotide'
_entity_poly.pdbx_seq_one_letter_code
;GGCUUGAUUGUAUUAUUAAAUUAAUUCUUAAUAACUACAAAUUAAGCC
;
_entity_poly.pdbx_strand_id   A
#